data_6U2N
#
_entry.id   6U2N
#
_cell.length_a   62.477
_cell.length_b   70.591
_cell.length_c   149.979
_cell.angle_alpha   90.000
_cell.angle_beta   90.000
_cell.angle_gamma   90.000
#
_symmetry.space_group_name_H-M   'P 21 21 21'
#
loop_
_entity.id
_entity.type
_entity.pdbx_description
1 polymer 'Proprotein convertase subtilisin/kexin type 9'
2 non-polymer '4-{[(1R)-6-methoxy-1-methyl-1-{2-oxo-2-[(1,3-thiazol-2-yl)amino]ethyl}-1,2,3,4-tetrahydroisoquinolin-7-yl]oxy}benzoic acid'
3 water water
#
_entity_poly.entity_id   1
_entity_poly.type   'polypeptide(L)'
_entity_poly.pdbx_seq_one_letter_code
;QEDEDGDYEELVLALRSEEDGLAEAPEHGTTATFHRCAKDPWRLPGTYVVVLKEETHLSQSERTARRLQAQAARRGYLTK
ILHVFHGLLPGFLVKMSGDLLELALKLPHVDYIEEDSSVFAQSIPWNLERITPPRYRADEYQPPDGGSLVEVYLLDTSIQ
SDHREIEGRVMVTDFENVPEEDGTRFHRQASKCDSHGTHLAGVVSGRDAGVAKGASMRSLRVLNCQGKGTVSGTLIGLEF
IRKSQLVQPVGPLVVLLPLAGGYSRVLNAACQRLARAGVVLVTAAGNFRDDACLYSPASAPEVITVGATNAQDQPVTLGT
LGTNFGRCVDLFAPGEDIIGASSDCSTCFVSQSGTSQAAAHVAGIAAMMLSAEPELTLAELRQRLIHFSAKDVINEAWFP
EDQRVLTPNLVAALPPSTHGAGWQLFCRTVWSAHSGPTRMATAIARCAPDEELLSCSSFSRSGKRRGERMEAQGGKLVCR
AHNAFGGEGVYAIARCCLLPQANCSVHTAPPAEASMGTRVHCHQQGHVLTGCSSHWEVEDLGTHKPPVLRPRGQPNQCVG
HREASIHASCCHAPGLECKVKEHGIPAPQEQVTVACEEGWTLTGCSALPGTSHVLGAYAVDNTCVVRSRDVSTTGSTSEE
AVTAVAICCRSRHLAQASQELQKGNSADIQHSGGRSSLEGPRFEGKPIPNPLLGLDSTRTGHHHHHH
;
_entity_poly.pdbx_strand_id   A,B
#
loop_
_chem_comp.id
_chem_comp.type
_chem_comp.name
_chem_comp.formula
PV7 non-polymer '4-{[(1R)-6-methoxy-1-methyl-1-{2-oxo-2-[(1,3-thiazol-2-yl)amino]ethyl}-1,2,3,4-tetrahydroisoquinolin-7-yl]oxy}benzoic acid' 'C23 H23 N3 O5 S'
#
# COMPACT_ATOMS: atom_id res chain seq x y z
N THR A 31 13.62 25.30 -8.52
CA THR A 31 12.50 24.46 -8.04
C THR A 31 12.81 22.95 -8.05
N ALA A 32 13.72 22.49 -8.96
CA ALA A 32 14.12 21.06 -9.07
C ALA A 32 14.95 20.62 -7.85
N THR A 33 14.72 19.39 -7.37
CA THR A 33 15.41 18.87 -6.19
C THR A 33 16.18 17.59 -6.49
N PHE A 34 17.18 17.30 -5.66
CA PHE A 34 18.04 16.13 -5.79
C PHE A 34 17.81 15.16 -4.62
N HIS A 35 17.78 13.86 -4.95
CA HIS A 35 17.50 12.81 -3.98
C HIS A 35 18.45 11.65 -4.20
N ARG A 36 18.91 11.04 -3.13
CA ARG A 36 19.76 9.89 -3.21
C ARG A 36 19.28 8.94 -2.11
N CYS A 37 19.50 7.65 -2.30
CA CYS A 37 19.12 6.62 -1.33
C CYS A 37 19.68 6.92 0.09
N ALA A 38 18.83 6.79 1.14
CA ALA A 38 19.23 7.02 2.53
C ALA A 38 20.15 5.86 3.04
N LYS A 39 20.09 4.66 2.38
CA LYS A 39 20.96 3.52 2.77
C LYS A 39 22.24 3.64 1.95
N ASP A 40 23.25 4.24 2.55
CA ASP A 40 24.55 4.49 1.92
C ASP A 40 25.14 3.27 1.18
N PRO A 41 25.19 2.02 1.72
CA PRO A 41 25.73 0.90 0.91
C PRO A 41 24.91 0.55 -0.35
N TRP A 42 23.68 1.06 -0.49
CA TRP A 42 22.80 0.76 -1.64
C TRP A 42 22.87 1.77 -2.78
N ARG A 43 23.54 2.90 -2.55
CA ARG A 43 23.70 3.97 -3.54
C ARG A 43 24.56 3.55 -4.70
N LEU A 44 24.25 4.05 -5.90
CA LEU A 44 25.05 3.78 -7.08
C LEU A 44 25.43 5.16 -7.68
N PRO A 45 26.44 5.88 -7.11
CA PRO A 45 26.79 7.21 -7.67
C PRO A 45 27.31 7.13 -9.10
N GLY A 46 27.13 8.19 -9.86
CA GLY A 46 27.59 8.18 -11.25
C GLY A 46 26.49 7.90 -12.25
N THR A 47 25.30 7.42 -11.79
CA THR A 47 24.13 7.13 -12.60
C THR A 47 22.98 7.84 -11.94
N TYR A 48 22.25 8.67 -12.74
CA TYR A 48 21.14 9.52 -12.30
C TYR A 48 19.92 9.35 -13.19
N VAL A 49 18.74 9.46 -12.56
CA VAL A 49 17.48 9.41 -13.26
C VAL A 49 16.99 10.86 -13.24
N VAL A 50 16.89 11.45 -14.41
CA VAL A 50 16.45 12.83 -14.55
C VAL A 50 14.98 12.78 -14.87
N VAL A 51 14.14 13.22 -13.93
CA VAL A 51 12.68 13.22 -14.04
C VAL A 51 12.18 14.59 -14.44
N LEU A 52 11.47 14.66 -15.58
CA LEU A 52 10.92 15.93 -16.05
C LEU A 52 9.47 16.15 -15.61
N LYS A 53 8.95 17.38 -15.77
CA LYS A 53 7.58 17.75 -15.41
C LYS A 53 6.55 16.85 -16.10
N GLU A 54 5.42 16.58 -15.43
CA GLU A 54 4.36 15.66 -15.85
C GLU A 54 3.97 15.69 -17.34
N GLU A 55 3.61 16.84 -17.92
CA GLU A 55 3.17 16.80 -19.33
C GLU A 55 4.30 17.01 -20.38
N THR A 56 5.57 16.78 -20.01
CA THR A 56 6.69 16.91 -20.92
C THR A 56 6.61 15.83 -22.00
N HIS A 57 6.87 16.20 -23.27
CA HIS A 57 6.84 15.31 -24.43
C HIS A 57 8.16 14.61 -24.67
N LEU A 58 8.09 13.43 -25.26
CA LEU A 58 9.26 12.62 -25.58
C LEU A 58 10.34 13.43 -26.36
N SER A 59 9.90 14.29 -27.29
CA SER A 59 10.76 15.19 -28.09
C SER A 59 11.51 16.17 -27.17
N GLN A 60 10.83 16.72 -26.16
CA GLN A 60 11.42 17.67 -25.21
C GLN A 60 12.43 16.92 -24.30
N SER A 61 12.08 15.69 -23.85
CA SER A 61 12.95 14.85 -23.02
C SER A 61 14.26 14.57 -23.71
N GLU A 62 14.20 14.28 -25.00
CA GLU A 62 15.37 13.98 -25.81
C GLU A 62 16.21 15.21 -26.00
N ARG A 63 15.57 16.36 -26.21
CA ARG A 63 16.25 17.63 -26.39
C ARG A 63 16.91 18.06 -25.07
N THR A 64 16.28 17.79 -23.91
CA THR A 64 16.86 18.09 -22.59
C THR A 64 18.09 17.22 -22.37
N ALA A 65 18.04 15.94 -22.78
CA ALA A 65 19.17 15.07 -22.61
C ALA A 65 20.36 15.50 -23.48
N ARG A 66 20.10 15.88 -24.76
CA ARG A 66 21.15 16.33 -25.69
C ARG A 66 21.77 17.68 -25.23
N ARG A 67 20.94 18.60 -24.68
CA ARG A 67 21.37 19.87 -24.16
C ARG A 67 22.34 19.62 -22.98
N LEU A 68 21.99 18.68 -22.09
CA LEU A 68 22.84 18.29 -20.96
C LEU A 68 24.14 17.77 -21.48
N GLN A 69 24.15 16.83 -22.45
CA GLN A 69 25.41 16.28 -23.03
C GLN A 69 26.28 17.37 -23.65
N ALA A 70 25.65 18.34 -24.35
CA ALA A 70 26.34 19.47 -24.99
C ALA A 70 27.00 20.35 -23.91
N GLN A 71 26.22 20.79 -22.88
CA GLN A 71 26.74 21.63 -21.79
C GLN A 71 27.87 20.93 -21.04
N ALA A 72 27.75 19.60 -20.86
CA ALA A 72 28.74 18.79 -20.18
C ALA A 72 30.06 18.74 -20.96
N ALA A 73 29.96 18.63 -22.29
CA ALA A 73 31.10 18.58 -23.23
C ALA A 73 31.85 19.92 -23.21
N ARG A 74 31.11 21.07 -23.22
CA ARG A 74 31.69 22.42 -23.19
C ARG A 74 32.54 22.63 -21.93
N ARG A 75 32.28 21.81 -20.90
CA ARG A 75 32.96 21.84 -19.61
C ARG A 75 34.02 20.74 -19.45
N GLY A 76 34.13 19.83 -20.43
CA GLY A 76 35.10 18.75 -20.41
C GLY A 76 34.66 17.43 -19.80
N TYR A 77 33.34 17.25 -19.60
CA TYR A 77 32.82 16.01 -19.01
C TYR A 77 32.20 15.07 -20.03
N LEU A 78 32.47 13.77 -19.90
CA LEU A 78 31.88 12.75 -20.75
C LEU A 78 30.57 12.30 -20.11
N THR A 79 29.52 12.15 -20.90
CA THR A 79 28.23 11.70 -20.38
C THR A 79 27.67 10.65 -21.31
N LYS A 80 26.85 9.75 -20.78
CA LYS A 80 26.24 8.73 -21.61
C LYS A 80 24.74 8.67 -21.29
N ILE A 81 23.89 8.86 -22.32
CA ILE A 81 22.45 8.77 -22.18
C ILE A 81 22.12 7.29 -22.35
N LEU A 82 21.83 6.61 -21.24
CA LEU A 82 21.54 5.16 -21.27
C LEU A 82 20.14 4.79 -21.73
N HIS A 83 19.15 5.64 -21.44
CA HIS A 83 17.77 5.36 -21.78
C HIS A 83 16.95 6.62 -21.66
N VAL A 84 15.93 6.75 -22.49
CA VAL A 84 15.02 7.88 -22.43
C VAL A 84 13.68 7.26 -22.04
N PHE A 85 13.06 7.76 -20.96
CA PHE A 85 11.77 7.30 -20.47
C PHE A 85 10.63 8.04 -21.13
N HIS A 86 9.51 7.33 -21.33
CA HIS A 86 8.24 7.79 -21.87
C HIS A 86 7.18 6.68 -21.72
N GLY A 87 5.96 7.07 -21.44
CA GLY A 87 4.86 6.15 -21.19
C GLY A 87 4.44 6.26 -19.73
N LEU A 88 5.41 6.11 -18.80
CA LEU A 88 5.10 6.23 -17.39
C LEU A 88 5.43 7.62 -16.93
N LEU A 89 6.73 7.92 -16.83
N LEU A 89 6.71 7.93 -16.85
CA LEU A 89 7.23 9.22 -16.40
CA LEU A 89 7.17 9.25 -16.46
C LEU A 89 8.15 9.78 -17.50
C LEU A 89 8.12 9.78 -17.52
N PRO A 90 8.17 11.10 -17.75
CA PRO A 90 9.11 11.63 -18.76
C PRO A 90 10.47 11.83 -18.09
N GLY A 91 11.51 11.65 -18.87
CA GLY A 91 12.85 11.82 -18.36
C GLY A 91 13.82 10.89 -19.02
N PHE A 92 14.99 10.73 -18.42
CA PHE A 92 16.02 9.92 -19.01
C PHE A 92 16.99 9.47 -17.95
N LEU A 93 17.81 8.48 -18.29
CA LEU A 93 18.83 7.89 -17.46
C LEU A 93 20.19 8.33 -18.01
N VAL A 94 21.05 8.94 -17.16
CA VAL A 94 22.36 9.45 -17.56
C VAL A 94 23.50 8.90 -16.70
N LYS A 95 24.60 8.49 -17.36
CA LYS A 95 25.84 8.07 -16.69
C LYS A 95 26.74 9.29 -16.81
N MET A 96 27.07 9.92 -15.67
CA MET A 96 27.90 11.14 -15.61
C MET A 96 28.45 11.40 -14.23
N SER A 97 29.39 12.33 -14.11
CA SER A 97 29.96 12.72 -12.83
C SER A 97 28.90 13.55 -12.10
N GLY A 98 28.88 13.44 -10.77
CA GLY A 98 27.97 14.19 -9.91
C GLY A 98 28.19 15.69 -10.03
N ASP A 99 29.42 16.11 -10.43
CA ASP A 99 29.76 17.54 -10.60
C ASP A 99 28.77 18.30 -11.48
N LEU A 100 28.09 17.60 -12.41
CA LEU A 100 27.13 18.23 -13.32
C LEU A 100 25.75 18.41 -12.75
N LEU A 101 25.49 17.86 -11.53
CA LEU A 101 24.17 17.98 -10.92
C LEU A 101 23.65 19.39 -10.81
N GLU A 102 24.48 20.39 -10.39
CA GLU A 102 23.95 21.78 -10.29
C GLU A 102 23.43 22.27 -11.64
N LEU A 103 24.20 22.00 -12.70
CA LEU A 103 23.89 22.34 -14.09
C LEU A 103 22.57 21.62 -14.49
N ALA A 104 22.52 20.26 -14.37
CA ALA A 104 21.36 19.43 -14.70
C ALA A 104 20.07 19.88 -14.00
N LEU A 105 20.19 20.41 -12.77
CA LEU A 105 19.03 20.92 -12.02
C LEU A 105 18.48 22.21 -12.60
N LYS A 106 19.29 22.91 -13.40
CA LYS A 106 18.90 24.16 -14.04
C LYS A 106 18.28 23.93 -15.42
N LEU A 107 18.39 22.70 -16.00
CA LEU A 107 17.81 22.39 -17.33
C LEU A 107 16.31 22.64 -17.38
N PRO A 108 15.74 23.04 -18.54
CA PRO A 108 14.29 23.27 -18.58
C PRO A 108 13.51 21.97 -18.40
N HIS A 109 12.30 22.05 -17.88
CA HIS A 109 11.39 20.93 -17.65
C HIS A 109 11.78 20.00 -16.50
N VAL A 110 12.98 20.12 -15.92
CA VAL A 110 13.42 19.25 -14.82
C VAL A 110 12.51 19.38 -13.59
N ASP A 111 11.97 18.24 -13.08
CA ASP A 111 11.13 18.19 -11.88
C ASP A 111 12.05 17.80 -10.69
N TYR A 112 12.84 16.73 -10.86
CA TYR A 112 13.81 16.28 -9.87
C TYR A 112 14.76 15.27 -10.47
N ILE A 113 15.88 15.05 -9.77
CA ILE A 113 16.92 14.10 -10.14
C ILE A 113 17.15 13.16 -8.96
N GLU A 114 17.30 11.90 -9.26
CA GLU A 114 17.52 10.90 -8.23
C GLU A 114 18.73 10.05 -8.61
N GLU A 115 19.67 9.92 -7.68
CA GLU A 115 20.83 9.08 -7.93
C GLU A 115 20.30 7.62 -7.98
N ASP A 116 20.89 6.76 -8.82
CA ASP A 116 20.48 5.37 -8.95
C ASP A 116 20.78 4.60 -7.67
N SER A 117 20.06 3.50 -7.42
CA SER A 117 20.31 2.74 -6.20
C SER A 117 19.91 1.30 -6.40
N SER A 118 20.38 0.43 -5.53
CA SER A 118 20.12 -1.01 -5.64
C SER A 118 18.81 -1.48 -5.09
N VAL A 119 18.25 -2.53 -5.74
CA VAL A 119 17.03 -3.24 -5.32
C VAL A 119 17.46 -4.69 -5.11
N PHE A 120 16.79 -5.42 -4.21
CA PHE A 120 17.16 -6.82 -3.90
C PHE A 120 15.95 -7.71 -3.83
N ALA A 121 16.11 -8.98 -4.27
CA ALA A 121 15.06 -10.02 -4.22
C ALA A 121 14.66 -10.18 -2.73
N GLN A 122 13.35 -10.23 -2.45
CA GLN A 122 12.88 -10.38 -1.06
C GLN A 122 12.43 -11.83 -0.74
N SER B 123 0.00 -34.71 0.39
CA SER B 123 -0.90 -33.95 1.27
C SER B 123 -1.07 -32.47 0.76
N ILE B 124 -1.72 -31.57 1.53
CA ILE B 124 -1.90 -30.18 1.03
C ILE B 124 -0.94 -29.24 1.75
N PRO B 125 -0.11 -28.45 1.02
CA PRO B 125 0.82 -27.52 1.70
C PRO B 125 0.05 -26.58 2.61
N TRP B 126 0.55 -26.41 3.84
CA TRP B 126 -0.08 -25.59 4.88
C TRP B 126 -0.59 -24.22 4.37
N ASN B 127 0.20 -23.54 3.53
CA ASN B 127 -0.09 -22.20 2.98
C ASN B 127 -1.31 -22.17 2.08
N LEU B 128 -1.51 -23.23 1.31
CA LEU B 128 -2.64 -23.35 0.40
C LEU B 128 -3.89 -23.61 1.21
N GLU B 129 -3.75 -24.30 2.35
CA GLU B 129 -4.87 -24.54 3.26
C GLU B 129 -5.17 -23.24 4.03
N ARG B 130 -4.14 -22.47 4.41
CA ARG B 130 -4.30 -21.22 5.14
C ARG B 130 -5.13 -20.17 4.36
N ILE B 131 -4.92 -20.07 3.05
CA ILE B 131 -5.67 -19.09 2.22
C ILE B 131 -7.05 -19.63 1.79
N THR B 132 -7.39 -20.89 2.19
CA THR B 132 -8.67 -21.52 1.86
C THR B 132 -9.73 -21.01 2.86
N PRO B 133 -10.82 -20.35 2.40
CA PRO B 133 -11.82 -19.81 3.33
C PRO B 133 -12.63 -20.89 4.11
N PRO B 134 -13.35 -20.55 5.21
CA PRO B 134 -14.11 -21.58 5.96
C PRO B 134 -15.27 -22.23 5.18
N ARG B 135 -15.63 -21.67 4.01
CA ARG B 135 -16.68 -22.17 3.13
C ARG B 135 -16.20 -21.92 1.72
N TYR B 136 -16.06 -22.96 0.92
CA TYR B 136 -15.59 -22.74 -0.44
C TYR B 136 -16.23 -23.67 -1.44
N ARG B 137 -16.60 -23.08 -2.61
CA ARG B 137 -17.20 -23.75 -3.76
C ARG B 137 -16.08 -24.36 -4.60
N ALA B 138 -15.21 -25.18 -3.97
CA ALA B 138 -14.09 -25.85 -4.65
C ALA B 138 -13.74 -27.17 -3.97
N SER B 148 -5.47 -17.17 -17.42
CA SER B 148 -6.91 -16.91 -17.62
C SER B 148 -7.10 -15.61 -18.41
N LEU B 149 -8.18 -14.85 -18.14
CA LEU B 149 -8.41 -13.56 -18.78
C LEU B 149 -7.45 -12.52 -18.14
N VAL B 150 -6.77 -12.92 -17.03
CA VAL B 150 -5.81 -12.10 -16.27
C VAL B 150 -4.40 -12.61 -16.53
N GLU B 151 -3.47 -11.68 -16.76
CA GLU B 151 -2.05 -12.02 -16.93
C GLU B 151 -1.30 -11.49 -15.69
N VAL B 152 -0.28 -12.22 -15.24
CA VAL B 152 0.55 -11.82 -14.09
C VAL B 152 1.97 -11.60 -14.58
N TYR B 153 2.46 -10.37 -14.48
CA TYR B 153 3.83 -10.05 -14.87
C TYR B 153 4.70 -10.22 -13.64
N LEU B 154 5.85 -10.85 -13.78
CA LEU B 154 6.74 -11.02 -12.64
C LEU B 154 8.02 -10.26 -12.97
N LEU B 155 8.55 -9.42 -12.04
CA LEU B 155 9.79 -8.68 -12.23
C LEU B 155 10.77 -9.27 -11.23
N ASP B 156 11.61 -10.18 -11.68
CA ASP B 156 12.54 -10.87 -10.80
C ASP B 156 13.80 -11.33 -11.55
N THR B 157 14.38 -12.48 -11.14
CA THR B 157 15.56 -13.07 -11.75
C THR B 157 15.12 -13.81 -13.00
N SER B 158 16.04 -14.52 -13.68
CA SER B 158 15.68 -15.36 -14.82
C SER B 158 14.83 -16.52 -14.26
N ILE B 159 14.08 -17.21 -15.11
CA ILE B 159 13.23 -18.29 -14.63
C ILE B 159 13.43 -19.56 -15.49
N GLN B 160 13.19 -20.75 -14.92
CA GLN B 160 13.30 -22.00 -15.69
C GLN B 160 11.90 -22.22 -16.26
N SER B 161 11.61 -21.63 -17.45
CA SER B 161 10.28 -21.70 -18.11
C SER B 161 9.75 -23.10 -18.42
N ASP B 162 10.65 -24.08 -18.51
CA ASP B 162 10.31 -25.47 -18.81
C ASP B 162 9.98 -26.34 -17.55
N HIS B 163 10.05 -25.77 -16.31
CA HIS B 163 9.71 -26.53 -15.10
C HIS B 163 8.24 -26.98 -15.27
N ARG B 164 7.96 -28.26 -14.95
CA ARG B 164 6.63 -28.86 -15.13
C ARG B 164 5.50 -28.08 -14.43
N GLU B 165 5.80 -27.38 -13.32
CA GLU B 165 4.80 -26.59 -12.63
C GLU B 165 4.26 -25.43 -13.47
N ILE B 166 5.09 -24.85 -14.37
CA ILE B 166 4.71 -23.66 -15.14
C ILE B 166 4.83 -23.75 -16.68
N GLU B 167 5.47 -24.81 -17.21
CA GLU B 167 5.66 -25.05 -18.65
C GLU B 167 4.40 -24.79 -19.48
N GLY B 168 4.57 -24.00 -20.54
CA GLY B 168 3.49 -23.61 -21.45
C GLY B 168 2.63 -22.47 -20.95
N ARG B 169 2.80 -22.06 -19.69
CA ARG B 169 2.00 -20.97 -19.11
C ARG B 169 2.84 -19.74 -18.80
N VAL B 170 4.17 -19.81 -18.99
CA VAL B 170 5.05 -18.69 -18.70
C VAL B 170 5.76 -18.18 -19.93
N MET B 171 5.60 -16.90 -20.25
CA MET B 171 6.27 -16.27 -21.38
C MET B 171 7.48 -15.49 -20.87
N VAL B 172 8.68 -15.92 -21.26
CA VAL B 172 9.91 -15.25 -20.88
C VAL B 172 10.16 -14.21 -21.96
N THR B 173 10.17 -12.95 -21.57
CA THR B 173 10.37 -11.86 -22.51
C THR B 173 11.83 -11.77 -22.89
N ASP B 174 12.72 -12.25 -21.98
CA ASP B 174 14.18 -12.26 -22.12
C ASP B 174 14.73 -10.83 -22.11
N PHE B 175 13.89 -9.88 -21.60
CA PHE B 175 14.26 -8.48 -21.46
C PHE B 175 15.28 -8.48 -20.31
N GLU B 176 16.50 -8.06 -20.59
CA GLU B 176 17.51 -8.07 -19.55
C GLU B 176 17.97 -6.67 -19.19
N ASN B 177 17.86 -6.34 -17.89
CA ASN B 177 18.34 -5.09 -17.33
C ASN B 177 18.86 -5.39 -15.93
N VAL B 178 20.02 -6.06 -15.89
CA VAL B 178 20.65 -6.50 -14.65
C VAL B 178 22.09 -5.97 -14.48
N PRO B 179 22.49 -5.59 -13.24
CA PRO B 179 23.88 -5.16 -13.03
C PRO B 179 24.83 -6.39 -13.03
N GLU B 180 26.14 -6.16 -13.28
CA GLU B 180 27.17 -7.21 -13.31
C GLU B 180 27.29 -7.89 -11.93
N GLU B 181 27.46 -9.22 -11.93
CA GLU B 181 27.58 -10.03 -10.71
C GLU B 181 28.94 -9.83 -10.02
N ASP B 182 28.96 -9.00 -8.95
CA ASP B 182 30.15 -8.70 -8.17
C ASP B 182 30.32 -9.62 -6.98
N SER B 191 20.75 -23.09 -12.65
CA SER B 191 19.79 -23.21 -11.55
C SER B 191 19.92 -22.10 -10.51
N LYS B 192 21.13 -21.84 -9.96
CA LYS B 192 21.34 -20.80 -8.94
C LYS B 192 20.76 -19.43 -9.38
N CYS B 193 20.94 -19.04 -10.65
CA CYS B 193 20.45 -17.78 -11.19
C CYS B 193 18.90 -17.70 -11.23
N ASP B 194 18.20 -18.79 -11.62
CA ASP B 194 16.72 -18.89 -11.72
C ASP B 194 16.00 -19.27 -10.41
N SER B 195 16.74 -19.60 -9.35
CA SER B 195 16.20 -20.05 -8.08
C SER B 195 14.97 -19.22 -7.54
N HIS B 196 15.18 -17.93 -7.39
CA HIS B 196 14.17 -17.04 -6.84
C HIS B 196 12.94 -16.89 -7.73
N GLY B 197 13.16 -16.55 -8.99
CA GLY B 197 12.08 -16.36 -9.95
C GLY B 197 11.22 -17.56 -10.26
N THR B 198 11.88 -18.75 -10.42
CA THR B 198 11.21 -20.05 -10.72
C THR B 198 10.25 -20.39 -9.57
N HIS B 199 10.73 -20.27 -8.33
CA HIS B 199 9.94 -20.53 -7.12
C HIS B 199 8.70 -19.63 -7.04
N LEU B 200 8.84 -18.34 -7.36
CA LEU B 200 7.70 -17.38 -7.33
C LEU B 200 6.69 -17.62 -8.46
N ALA B 201 7.16 -17.99 -9.64
CA ALA B 201 6.28 -18.29 -10.79
C ALA B 201 5.43 -19.53 -10.38
N GLY B 202 6.06 -20.46 -9.67
CA GLY B 202 5.44 -21.66 -9.13
C GLY B 202 4.41 -21.35 -8.07
N VAL B 203 4.75 -20.48 -7.10
CA VAL B 203 3.81 -20.06 -6.03
C VAL B 203 2.54 -19.45 -6.65
N VAL B 204 2.72 -18.53 -7.58
CA VAL B 204 1.60 -17.89 -8.24
C VAL B 204 0.72 -18.83 -9.09
N SER B 205 1.33 -19.55 -10.02
CA SER B 205 0.57 -20.33 -10.99
C SER B 205 0.84 -21.82 -11.12
N GLY B 206 1.78 -22.39 -10.37
CA GLY B 206 2.11 -23.82 -10.47
C GLY B 206 0.97 -24.81 -10.47
N ARG B 207 1.03 -25.84 -11.36
CA ARG B 207 0.00 -26.89 -11.48
C ARG B 207 -0.35 -27.56 -10.15
N ASP B 208 0.66 -27.98 -9.38
CA ASP B 208 0.45 -28.67 -8.12
C ASP B 208 0.49 -27.79 -6.85
N ALA B 209 1.50 -26.91 -6.69
CA ALA B 209 1.63 -26.13 -5.48
C ALA B 209 1.30 -24.62 -5.62
N GLY B 210 0.70 -24.23 -6.76
CA GLY B 210 0.34 -22.83 -7.04
C GLY B 210 -0.98 -22.37 -6.48
N VAL B 211 -1.15 -21.04 -6.34
CA VAL B 211 -2.34 -20.35 -5.81
C VAL B 211 -3.41 -20.21 -6.92
N ALA B 212 -3.03 -19.68 -8.08
CA ALA B 212 -3.90 -19.50 -9.25
C ALA B 212 -3.35 -20.51 -10.30
N LYS B 213 -3.71 -21.78 -10.11
CA LYS B 213 -3.26 -22.89 -10.98
C LYS B 213 -3.57 -22.62 -12.43
N GLY B 214 -2.54 -22.71 -13.26
CA GLY B 214 -2.65 -22.48 -14.69
C GLY B 214 -2.64 -21.04 -15.18
N ALA B 215 -2.66 -20.02 -14.26
CA ALA B 215 -2.64 -18.58 -14.66
C ALA B 215 -1.50 -18.28 -15.64
N SER B 216 -1.75 -17.43 -16.63
CA SER B 216 -0.77 -17.05 -17.66
C SER B 216 0.20 -16.07 -17.04
N MET B 217 1.49 -16.31 -17.23
CA MET B 217 2.51 -15.45 -16.69
C MET B 217 3.54 -14.95 -17.72
N ARG B 218 4.06 -13.76 -17.47
CA ARG B 218 5.12 -13.12 -18.25
C ARG B 218 6.22 -12.74 -17.26
N SER B 219 7.46 -13.07 -17.54
CA SER B 219 8.56 -12.70 -16.65
C SER B 219 9.53 -11.72 -17.34
N LEU B 220 10.05 -10.78 -16.56
CA LEU B 220 11.00 -9.75 -16.97
C LEU B 220 12.16 -9.87 -16.00
N ARG B 221 13.37 -10.07 -16.52
CA ARG B 221 14.53 -10.18 -15.68
C ARG B 221 15.06 -8.80 -15.31
N VAL B 222 15.01 -8.45 -14.01
CA VAL B 222 15.49 -7.17 -13.49
C VAL B 222 16.49 -7.41 -12.37
N LEU B 223 16.64 -8.69 -11.96
CA LEU B 223 17.57 -9.06 -10.89
C LEU B 223 18.62 -10.02 -11.42
N ASN B 224 19.88 -9.81 -11.00
CA ASN B 224 20.97 -10.67 -11.46
C ASN B 224 21.01 -12.03 -10.74
N CYS B 225 22.09 -12.81 -10.94
CA CYS B 225 22.30 -14.12 -10.34
C CYS B 225 22.38 -14.06 -8.80
N GLN B 226 22.71 -12.90 -8.25
CA GLN B 226 22.73 -12.75 -6.78
C GLN B 226 21.43 -12.08 -6.26
N GLY B 227 20.41 -11.94 -7.13
CA GLY B 227 19.14 -11.33 -6.77
C GLY B 227 19.25 -9.83 -6.56
N LYS B 228 20.22 -9.17 -7.25
CA LYS B 228 20.46 -7.75 -7.12
C LYS B 228 20.13 -7.02 -8.42
N GLY B 229 19.45 -5.89 -8.30
CA GLY B 229 19.04 -5.05 -9.43
C GLY B 229 19.25 -3.58 -9.13
N THR B 230 18.60 -2.68 -9.92
CA THR B 230 18.71 -1.24 -9.71
C THR B 230 17.33 -0.60 -9.83
N VAL B 231 17.16 0.58 -9.24
CA VAL B 231 15.87 1.31 -9.37
C VAL B 231 15.67 1.59 -10.89
N SER B 232 16.73 2.04 -11.59
CA SER B 232 16.70 2.37 -13.03
C SER B 232 16.24 1.19 -13.92
N GLY B 233 16.79 0.00 -13.65
CA GLY B 233 16.45 -1.25 -14.33
C GLY B 233 15.01 -1.66 -14.00
N THR B 234 14.55 -1.39 -12.75
CA THR B 234 13.18 -1.68 -12.35
C THR B 234 12.21 -0.78 -13.12
N LEU B 235 12.58 0.51 -13.23
CA LEU B 235 11.78 1.50 -13.95
C LEU B 235 11.64 1.14 -15.42
N ILE B 236 12.72 0.61 -16.03
CA ILE B 236 12.72 0.24 -17.44
C ILE B 236 11.75 -0.94 -17.66
N GLY B 237 11.76 -1.92 -16.74
CA GLY B 237 10.86 -3.07 -16.76
C GLY B 237 9.42 -2.62 -16.63
N LEU B 238 9.14 -1.70 -15.69
CA LEU B 238 7.78 -1.21 -15.49
C LEU B 238 7.28 -0.48 -16.74
N GLU B 239 8.17 0.28 -17.36
CA GLU B 239 7.89 1.03 -18.58
C GLU B 239 7.62 0.07 -19.76
N PHE B 240 8.34 -1.07 -19.78
CA PHE B 240 8.24 -2.10 -20.80
C PHE B 240 6.85 -2.73 -20.71
N ILE B 241 6.33 -2.89 -19.47
CA ILE B 241 5.00 -3.43 -19.25
C ILE B 241 3.96 -2.48 -19.82
N ARG B 242 4.09 -1.18 -19.53
CA ARG B 242 3.11 -0.23 -20.07
C ARG B 242 3.12 -0.22 -21.60
N LYS B 243 4.31 -0.24 -22.22
CA LYS B 243 4.52 -0.22 -23.67
C LYS B 243 3.94 -1.47 -24.33
N SER B 244 4.14 -2.63 -23.69
CA SER B 244 3.59 -3.89 -24.18
C SER B 244 2.09 -3.80 -24.20
N GLN B 245 1.51 -3.29 -23.11
CA GLN B 245 0.07 -3.14 -22.95
C GLN B 245 -0.53 -2.16 -23.97
N LEU B 246 0.24 -1.13 -24.40
CA LEU B 246 -0.24 -0.13 -25.35
C LEU B 246 -0.25 -0.70 -26.76
N VAL B 247 0.75 -1.55 -27.07
CA VAL B 247 0.94 -2.24 -28.34
C VAL B 247 -0.04 -3.40 -28.53
N GLN B 248 -0.30 -4.19 -27.46
CA GLN B 248 -1.20 -5.34 -27.53
C GLN B 248 -2.08 -5.43 -26.28
N PRO B 249 -3.18 -4.64 -26.18
CA PRO B 249 -4.03 -4.72 -24.97
C PRO B 249 -4.65 -6.10 -24.74
N VAL B 250 -4.73 -6.48 -23.47
CA VAL B 250 -5.32 -7.74 -22.99
C VAL B 250 -6.33 -7.35 -21.90
N GLY B 251 -6.59 -8.23 -20.96
CA GLY B 251 -7.52 -7.92 -19.88
C GLY B 251 -6.82 -7.34 -18.67
N PRO B 252 -7.34 -7.56 -17.45
CA PRO B 252 -6.66 -7.03 -16.25
C PRO B 252 -5.24 -7.56 -16.16
N LEU B 253 -4.32 -6.74 -15.65
CA LEU B 253 -2.92 -7.08 -15.46
C LEU B 253 -2.57 -6.95 -13.98
N VAL B 254 -1.87 -7.97 -13.43
CA VAL B 254 -1.36 -7.99 -12.07
C VAL B 254 0.17 -8.03 -12.22
N VAL B 255 0.86 -7.11 -11.55
CA VAL B 255 2.32 -7.02 -11.61
C VAL B 255 2.86 -7.36 -10.27
N LEU B 256 3.67 -8.41 -10.22
CA LEU B 256 4.31 -8.79 -8.98
C LEU B 256 5.74 -8.24 -8.96
N LEU B 257 6.06 -7.51 -7.89
CA LEU B 257 7.36 -6.90 -7.66
C LEU B 257 7.88 -7.47 -6.34
N PRO B 258 8.57 -8.63 -6.42
CA PRO B 258 9.10 -9.28 -5.22
C PRO B 258 10.52 -8.83 -4.89
N LEU B 259 10.69 -7.52 -4.85
CA LEU B 259 11.97 -6.86 -4.60
C LEU B 259 11.80 -5.58 -3.76
N ALA B 260 12.89 -5.06 -3.24
CA ALA B 260 12.87 -3.84 -2.43
C ALA B 260 14.24 -3.17 -2.40
N GLY B 261 14.21 -1.86 -2.22
CA GLY B 261 15.36 -0.99 -2.04
C GLY B 261 14.88 0.06 -1.05
N GLY B 262 15.69 1.06 -0.76
CA GLY B 262 15.32 2.15 0.14
C GLY B 262 14.23 3.01 -0.48
N TYR B 263 13.59 3.87 0.33
CA TYR B 263 12.56 4.75 -0.19
C TYR B 263 13.11 5.45 -1.45
N SER B 264 12.36 5.36 -2.55
CA SER B 264 12.73 5.97 -3.83
C SER B 264 11.56 6.78 -4.40
N ARG B 265 11.76 8.05 -4.62
CA ARG B 265 10.72 8.93 -5.15
C ARG B 265 10.31 8.53 -6.57
N VAL B 266 11.31 8.27 -7.41
CA VAL B 266 11.06 7.91 -8.79
C VAL B 266 10.36 6.52 -8.85
N LEU B 267 10.82 5.53 -8.09
CA LEU B 267 10.18 4.23 -8.11
C LEU B 267 8.71 4.32 -7.65
N ASN B 268 8.43 5.11 -6.59
CA ASN B 268 7.03 5.28 -6.14
C ASN B 268 6.17 6.00 -7.16
N ALA B 269 6.72 7.00 -7.87
CA ALA B 269 6.01 7.79 -8.88
C ALA B 269 5.70 6.90 -10.11
N ALA B 270 6.63 6.04 -10.49
CA ALA B 270 6.44 5.09 -11.59
C ALA B 270 5.27 4.13 -11.25
N CYS B 271 5.25 3.62 -10.00
CA CYS B 271 4.17 2.74 -9.52
C CYS B 271 2.83 3.46 -9.56
N GLN B 272 2.78 4.75 -9.16
CA GLN B 272 1.56 5.58 -9.20
C GLN B 272 1.02 5.72 -10.63
N ARG B 273 1.91 5.92 -11.60
CA ARG B 273 1.53 6.07 -13.00
C ARG B 273 1.07 4.74 -13.59
N LEU B 274 1.71 3.63 -13.20
CA LEU B 274 1.30 2.33 -13.71
C LEU B 274 -0.08 1.97 -13.10
N ALA B 275 -0.27 2.24 -11.80
CA ALA B 275 -1.56 2.02 -11.15
C ALA B 275 -2.65 2.91 -11.79
N ARG B 276 -2.37 4.23 -12.02
CA ARG B 276 -3.32 5.18 -12.65
C ARG B 276 -3.68 4.71 -14.06
N ALA B 277 -2.79 3.97 -14.72
CA ALA B 277 -3.07 3.42 -16.05
C ALA B 277 -3.96 2.18 -15.97
N GLY B 278 -4.44 1.81 -14.76
CA GLY B 278 -5.28 0.64 -14.55
C GLY B 278 -4.60 -0.69 -14.26
N VAL B 279 -3.32 -0.68 -13.85
CA VAL B 279 -2.56 -1.92 -13.53
C VAL B 279 -2.49 -2.16 -11.99
N VAL B 280 -2.60 -3.44 -11.54
CA VAL B 280 -2.56 -3.84 -10.14
C VAL B 280 -1.15 -4.24 -9.71
N LEU B 281 -0.57 -3.54 -8.78
CA LEU B 281 0.80 -3.84 -8.37
C LEU B 281 0.80 -4.44 -6.99
N VAL B 282 1.42 -5.63 -6.88
CA VAL B 282 1.54 -6.34 -5.62
C VAL B 282 3.01 -6.39 -5.29
N THR B 283 3.37 -5.90 -4.09
CA THR B 283 4.78 -5.87 -3.71
C THR B 283 5.07 -6.52 -2.37
N ALA B 284 6.32 -6.94 -2.21
CA ALA B 284 6.85 -7.54 -1.00
C ALA B 284 7.10 -6.37 -0.05
N ALA B 285 6.71 -6.50 1.21
CA ALA B 285 6.93 -5.47 2.22
C ALA B 285 8.43 -5.30 2.55
N GLY B 286 9.24 -6.35 2.30
CA GLY B 286 10.66 -6.31 2.61
C GLY B 286 10.96 -7.20 3.81
N ASN B 287 12.16 -7.80 3.83
CA ASN B 287 12.60 -8.74 4.86
C ASN B 287 13.59 -8.11 5.86
N PHE B 288 13.39 -6.84 6.20
CA PHE B 288 14.35 -6.14 7.06
C PHE B 288 13.92 -5.92 8.52
N ARG B 289 12.79 -6.52 8.92
CA ARG B 289 12.20 -6.41 10.27
C ARG B 289 12.11 -4.91 10.62
N ASP B 290 11.62 -4.14 9.66
CA ASP B 290 11.57 -2.71 9.77
C ASP B 290 10.26 -2.16 9.26
N ASP B 291 10.09 -0.83 9.32
CA ASP B 291 8.87 -0.15 8.89
C ASP B 291 8.87 -0.13 7.35
N ALA B 292 7.86 -0.75 6.74
CA ALA B 292 7.76 -0.84 5.28
C ALA B 292 7.82 0.52 4.55
N CYS B 293 7.37 1.63 5.22
CA CYS B 293 7.38 3.01 4.70
C CYS B 293 8.78 3.50 4.29
N LEU B 294 9.85 2.97 4.88
CA LEU B 294 11.22 3.37 4.52
C LEU B 294 11.75 2.62 3.29
N TYR B 295 10.89 1.83 2.58
CA TYR B 295 11.39 1.02 1.45
C TYR B 295 10.54 1.22 0.20
N SER B 296 11.10 0.97 -0.97
CA SER B 296 10.28 1.11 -2.19
C SER B 296 10.45 -0.15 -3.03
N PRO B 297 9.43 -0.59 -3.82
CA PRO B 297 8.08 -0.02 -4.01
C PRO B 297 7.08 -0.20 -2.82
N ALA B 298 7.50 -0.90 -1.74
CA ALA B 298 6.66 -1.16 -0.55
C ALA B 298 5.85 0.04 -0.04
N SER B 299 6.42 1.25 -0.10
CA SER B 299 5.79 2.46 0.40
C SER B 299 4.93 3.23 -0.58
N ALA B 300 4.85 2.81 -1.87
CA ALA B 300 4.03 3.52 -2.86
C ALA B 300 2.55 3.39 -2.50
N PRO B 301 1.87 4.53 -2.18
CA PRO B 301 0.45 4.44 -1.77
C PRO B 301 -0.45 3.58 -2.66
N GLU B 302 -0.20 3.54 -3.94
CA GLU B 302 -1.09 2.83 -4.83
C GLU B 302 -0.77 1.35 -5.03
N VAL B 303 0.21 0.78 -4.35
CA VAL B 303 0.47 -0.65 -4.52
C VAL B 303 -0.24 -1.40 -3.39
N ILE B 304 -0.21 -2.74 -3.42
CA ILE B 304 -0.70 -3.64 -2.39
C ILE B 304 0.63 -4.23 -1.79
N THR B 305 0.99 -3.84 -0.56
CA THR B 305 2.22 -4.25 0.15
C THR B 305 1.90 -5.42 1.09
N VAL B 306 2.63 -6.52 0.91
CA VAL B 306 2.36 -7.76 1.64
C VAL B 306 3.46 -8.22 2.57
N GLY B 307 3.12 -8.34 3.84
CA GLY B 307 4.02 -8.83 4.88
C GLY B 307 3.97 -10.36 4.91
N ALA B 308 4.91 -11.00 5.63
CA ALA B 308 4.99 -12.46 5.68
C ALA B 308 4.65 -13.08 7.07
N THR B 309 3.77 -14.10 7.08
CA THR B 309 3.38 -14.85 8.29
C THR B 309 3.70 -16.35 8.12
N ASN B 310 3.87 -17.06 9.23
CA ASN B 310 4.23 -18.49 9.23
C ASN B 310 3.03 -19.40 9.57
N ALA B 311 3.27 -20.72 9.70
CA ALA B 311 2.21 -21.72 9.98
C ALA B 311 1.44 -21.47 11.23
N GLN B 312 2.03 -20.76 12.19
CA GLN B 312 1.41 -20.43 13.46
C GLN B 312 0.76 -19.02 13.42
N ASP B 313 0.59 -18.45 12.19
CA ASP B 313 0.04 -17.11 11.88
C ASP B 313 0.85 -15.98 12.52
N GLN B 314 2.12 -16.26 12.77
CA GLN B 314 3.04 -15.31 13.37
C GLN B 314 3.99 -14.67 12.35
N PRO B 315 4.43 -13.41 12.59
CA PRO B 315 5.34 -12.76 11.63
C PRO B 315 6.63 -13.54 11.44
N VAL B 316 7.01 -13.76 10.17
CA VAL B 316 8.20 -14.52 9.79
C VAL B 316 9.48 -13.85 10.24
N THR B 317 10.32 -14.67 10.88
CA THR B 317 11.66 -14.31 11.33
C THR B 317 12.61 -14.97 10.32
N LEU B 318 13.50 -14.17 9.75
CA LEU B 318 14.49 -14.61 8.77
C LEU B 318 15.86 -14.43 9.45
N GLY B 319 16.13 -15.27 10.45
CA GLY B 319 17.35 -15.22 11.24
C GLY B 319 17.35 -14.05 12.21
N THR B 320 18.24 -13.07 11.98
CA THR B 320 18.32 -11.89 12.83
C THR B 320 17.20 -10.96 12.41
N LEU B 321 16.87 -10.96 11.09
CA LEU B 321 15.83 -10.12 10.52
C LEU B 321 14.47 -10.86 10.32
N GLY B 322 13.65 -10.40 9.39
CA GLY B 322 12.34 -10.97 9.12
C GLY B 322 11.39 -10.00 8.46
N THR B 323 10.08 -10.30 8.48
CA THR B 323 9.09 -9.48 7.81
C THR B 323 9.07 -7.99 8.26
N ASN B 324 8.80 -7.11 7.29
CA ASN B 324 8.63 -5.69 7.53
C ASN B 324 7.18 -5.51 7.98
N PHE B 325 6.87 -4.37 8.60
CA PHE B 325 5.54 -4.11 9.16
C PHE B 325 5.20 -2.62 9.07
N GLY B 326 4.16 -2.20 9.77
CA GLY B 326 3.74 -0.80 9.82
C GLY B 326 2.53 -0.46 8.94
N ARG B 327 2.14 0.85 8.95
CA ARG B 327 0.98 1.39 8.22
C ARG B 327 1.02 1.24 6.71
N CYS B 328 2.20 0.96 6.15
CA CYS B 328 2.37 0.80 4.71
C CYS B 328 2.01 -0.61 4.24
N VAL B 329 1.90 -1.56 5.16
CA VAL B 329 1.53 -2.94 4.84
C VAL B 329 0.01 -3.01 4.73
N ASP B 330 -0.53 -3.58 3.66
CA ASP B 330 -1.97 -3.77 3.46
C ASP B 330 -2.47 -4.97 4.28
N LEU B 331 -1.73 -6.10 4.19
CA LEU B 331 -2.09 -7.35 4.86
C LEU B 331 -0.90 -8.30 4.84
N PHE B 332 -1.04 -9.44 5.52
CA PHE B 332 0.02 -10.46 5.52
C PHE B 332 -0.45 -11.68 4.75
N ALA B 333 0.48 -12.59 4.42
CA ALA B 333 0.15 -13.81 3.73
C ALA B 333 1.25 -14.87 4.03
N PRO B 334 0.98 -16.18 3.78
CA PRO B 334 1.99 -17.21 4.07
C PRO B 334 3.32 -16.93 3.38
N GLY B 335 4.36 -16.81 4.17
CA GLY B 335 5.70 -16.53 3.64
C GLY B 335 6.83 -17.27 4.33
N GLU B 336 6.52 -18.41 4.98
CA GLU B 336 7.57 -19.23 5.60
C GLU B 336 7.33 -20.67 5.20
N ASP B 337 8.37 -21.40 4.74
CA ASP B 337 8.26 -22.81 4.37
C ASP B 337 7.20 -23.02 3.28
N ILE B 338 7.40 -22.31 2.17
CA ILE B 338 6.48 -22.33 1.03
C ILE B 338 7.06 -23.22 -0.02
N ILE B 339 6.47 -24.39 -0.19
CA ILE B 339 6.95 -25.32 -1.20
C ILE B 339 6.60 -24.75 -2.60
N GLY B 340 7.55 -24.82 -3.50
CA GLY B 340 7.40 -24.35 -4.88
C GLY B 340 8.46 -24.94 -5.79
N ALA B 341 8.36 -24.67 -7.09
CA ALA B 341 9.28 -25.15 -8.12
C ALA B 341 10.71 -24.74 -7.85
N SER B 342 11.64 -25.69 -7.96
CA SER B 342 13.08 -25.49 -7.79
C SER B 342 13.71 -25.57 -9.18
N SER B 343 14.59 -24.62 -9.51
CA SER B 343 15.27 -24.55 -10.81
C SER B 343 16.29 -25.68 -11.03
N ASP B 344 16.68 -26.41 -9.95
CA ASP B 344 17.63 -27.53 -9.98
C ASP B 344 17.30 -28.53 -11.08
N CYS B 345 16.03 -28.98 -11.16
CA CYS B 345 15.53 -29.92 -12.17
C CYS B 345 14.06 -29.57 -12.43
N SER B 346 13.52 -29.99 -13.60
CA SER B 346 12.16 -29.71 -14.06
C SER B 346 11.01 -30.28 -13.20
N THR B 347 11.29 -31.19 -12.25
CA THR B 347 10.23 -31.78 -11.38
C THR B 347 10.59 -31.58 -9.90
N CYS B 348 11.69 -30.91 -9.63
CA CYS B 348 12.19 -30.64 -8.29
C CYS B 348 11.40 -29.52 -7.56
N PHE B 349 11.34 -29.60 -6.23
CA PHE B 349 10.63 -28.64 -5.38
C PHE B 349 11.50 -28.23 -4.22
N VAL B 350 11.36 -26.97 -3.82
CA VAL B 350 12.12 -26.41 -2.69
C VAL B 350 11.19 -25.54 -1.86
N SER B 351 11.46 -25.45 -0.56
CA SER B 351 10.68 -24.60 0.32
C SER B 351 11.48 -23.32 0.47
N GLN B 352 10.83 -22.16 0.35
CA GLN B 352 11.50 -20.86 0.49
C GLN B 352 10.66 -20.00 1.42
N SER B 353 11.25 -18.96 1.97
CA SER B 353 10.65 -18.02 2.91
C SER B 353 10.93 -16.55 2.53
N GLY B 354 10.05 -15.66 2.92
CA GLY B 354 10.18 -14.24 2.67
C GLY B 354 8.92 -13.52 2.25
N THR B 355 8.99 -12.16 2.20
CA THR B 355 7.86 -11.32 1.77
C THR B 355 7.61 -11.50 0.27
N SER B 356 8.58 -12.00 -0.51
CA SER B 356 8.44 -12.33 -1.95
C SER B 356 7.41 -13.42 -2.10
N GLN B 357 7.50 -14.49 -1.28
CA GLN B 357 6.60 -15.64 -1.27
C GLN B 357 5.23 -15.22 -0.81
N ALA B 358 5.16 -14.37 0.23
CA ALA B 358 3.92 -13.81 0.75
C ALA B 358 3.19 -13.01 -0.39
N ALA B 359 3.92 -12.15 -1.12
CA ALA B 359 3.36 -11.31 -2.17
C ALA B 359 2.86 -12.12 -3.35
N ALA B 360 3.53 -13.24 -3.65
CA ALA B 360 3.17 -14.17 -4.70
C ALA B 360 1.79 -14.75 -4.39
N HIS B 361 1.50 -15.04 -3.09
CA HIS B 361 0.19 -15.58 -2.70
C HIS B 361 -0.92 -14.55 -3.03
N VAL B 362 -0.68 -13.27 -2.70
CA VAL B 362 -1.63 -12.18 -2.95
C VAL B 362 -1.82 -11.93 -4.45
N ALA B 363 -0.77 -12.07 -5.28
CA ALA B 363 -0.91 -11.87 -6.72
C ALA B 363 -1.78 -13.02 -7.30
N GLY B 364 -1.62 -14.22 -6.75
CA GLY B 364 -2.44 -15.38 -7.11
C GLY B 364 -3.88 -15.16 -6.69
N ILE B 365 -4.11 -14.63 -5.47
CA ILE B 365 -5.49 -14.35 -5.01
C ILE B 365 -6.13 -13.23 -5.86
N ALA B 366 -5.37 -12.13 -6.09
CA ALA B 366 -5.83 -10.99 -6.89
C ALA B 366 -6.20 -11.46 -8.28
N ALA B 367 -5.36 -12.30 -8.93
CA ALA B 367 -5.61 -12.86 -10.28
C ALA B 367 -6.92 -13.64 -10.34
N MET B 368 -7.21 -14.41 -9.29
CA MET B 368 -8.46 -15.18 -9.16
C MET B 368 -9.65 -14.23 -8.97
N MET B 369 -9.52 -13.25 -8.07
CA MET B 369 -10.58 -12.28 -7.84
C MET B 369 -10.91 -11.51 -9.14
N LEU B 370 -9.87 -11.14 -9.93
CA LEU B 370 -10.03 -10.42 -11.20
C LEU B 370 -10.55 -11.30 -12.33
N SER B 371 -10.34 -12.61 -12.29
CA SER B 371 -10.88 -13.48 -13.31
C SER B 371 -12.40 -13.56 -13.09
N ALA B 372 -12.82 -13.63 -11.80
CA ALA B 372 -14.21 -13.71 -11.40
C ALA B 372 -14.97 -12.38 -11.60
N GLU B 373 -14.37 -11.21 -11.21
CA GLU B 373 -14.99 -9.88 -11.38
C GLU B 373 -13.99 -8.97 -12.12
N PRO B 374 -13.90 -9.06 -13.46
CA PRO B 374 -12.88 -8.29 -14.19
C PRO B 374 -13.03 -6.77 -14.25
N GLU B 375 -14.16 -6.23 -13.75
CA GLU B 375 -14.41 -4.79 -13.73
C GLU B 375 -13.93 -4.15 -12.40
N LEU B 376 -13.39 -4.96 -11.48
CA LEU B 376 -12.90 -4.41 -10.22
C LEU B 376 -11.83 -3.39 -10.48
N THR B 377 -11.92 -2.25 -9.81
CA THR B 377 -10.87 -1.23 -9.87
C THR B 377 -9.87 -1.66 -8.77
N LEU B 378 -8.74 -0.97 -8.64
CA LEU B 378 -7.74 -1.25 -7.63
C LEU B 378 -8.32 -1.04 -6.21
N ALA B 379 -9.12 0.03 -6.00
CA ALA B 379 -9.71 0.32 -4.68
C ALA B 379 -10.61 -0.84 -4.29
N GLU B 380 -11.43 -1.34 -5.22
CA GLU B 380 -12.35 -2.47 -4.97
C GLU B 380 -11.64 -3.76 -4.65
N LEU B 381 -10.54 -4.04 -5.35
CA LEU B 381 -9.75 -5.25 -5.17
C LEU B 381 -9.00 -5.18 -3.83
N ARG B 382 -8.50 -4.01 -3.45
CA ARG B 382 -7.82 -3.89 -2.16
C ARG B 382 -8.83 -4.09 -0.99
N GLN B 383 -10.07 -3.57 -1.15
CA GLN B 383 -11.08 -3.69 -0.11
C GLN B 383 -11.54 -5.14 0.05
N ARG B 384 -11.58 -5.91 -1.05
CA ARG B 384 -11.98 -7.30 -1.02
C ARG B 384 -10.91 -8.16 -0.34
N LEU B 385 -9.62 -7.98 -0.70
CA LEU B 385 -8.50 -8.71 -0.04
C LEU B 385 -8.54 -8.51 1.49
N ILE B 386 -8.80 -7.28 1.95
CA ILE B 386 -8.91 -6.94 3.37
C ILE B 386 -10.20 -7.56 3.99
N HIS B 387 -11.33 -7.49 3.26
CA HIS B 387 -12.59 -8.06 3.77
C HIS B 387 -12.51 -9.58 3.94
N PHE B 388 -11.94 -10.29 2.96
CA PHE B 388 -11.90 -11.74 3.01
C PHE B 388 -10.72 -12.34 3.79
N SER B 389 -9.89 -11.50 4.40
CA SER B 389 -8.73 -11.93 5.19
C SER B 389 -9.15 -12.47 6.54
N ALA B 390 -8.32 -13.32 7.16
CA ALA B 390 -8.55 -13.81 8.53
C ALA B 390 -8.12 -12.63 9.41
N LYS B 391 -8.94 -12.27 10.41
CA LYS B 391 -8.68 -11.13 11.28
C LYS B 391 -8.18 -11.57 12.63
N ASP B 392 -7.42 -10.70 13.27
CA ASP B 392 -6.83 -10.77 14.62
C ASP B 392 -6.21 -12.14 14.99
N VAL B 393 -5.51 -12.76 14.05
CA VAL B 393 -4.82 -14.03 14.32
C VAL B 393 -3.34 -13.79 14.63
N ILE B 394 -2.82 -12.58 14.31
CA ILE B 394 -1.40 -12.27 14.55
C ILE B 394 -1.19 -11.74 15.95
N ASN B 395 -0.20 -12.27 16.69
CA ASN B 395 0.11 -11.77 18.04
C ASN B 395 0.95 -10.49 17.75
N GLU B 396 0.37 -9.32 18.03
CA GLU B 396 1.01 -8.04 17.72
C GLU B 396 2.22 -7.72 18.64
N ALA B 397 2.48 -8.56 19.67
CA ALA B 397 3.61 -8.42 20.61
C ALA B 397 5.00 -8.60 19.91
N TRP B 398 5.03 -9.25 18.72
N TRP B 398 5.01 -9.25 18.74
CA TRP B 398 6.23 -9.48 17.92
CA TRP B 398 6.20 -9.50 17.90
C TRP B 398 6.71 -8.15 17.30
C TRP B 398 6.69 -8.19 17.24
N PHE B 399 5.77 -7.22 17.02
CA PHE B 399 6.10 -5.93 16.42
C PHE B 399 6.52 -4.93 17.48
N PRO B 400 7.47 -4.03 17.19
CA PRO B 400 7.81 -2.97 18.17
C PRO B 400 6.55 -2.23 18.62
N GLU B 401 6.50 -1.81 19.89
CA GLU B 401 5.40 -1.09 20.54
C GLU B 401 4.62 -0.14 19.66
N ASP B 402 5.26 0.92 19.14
CA ASP B 402 4.63 1.95 18.31
C ASP B 402 4.13 1.46 16.96
N GLN B 403 4.48 0.23 16.53
CA GLN B 403 4.06 -0.33 15.27
C GLN B 403 2.89 -1.26 15.43
N ARG B 404 2.56 -1.63 16.67
CA ARG B 404 1.43 -2.53 16.92
C ARG B 404 0.05 -2.06 16.46
N VAL B 405 -0.29 -0.78 16.65
CA VAL B 405 -1.59 -0.26 16.26
C VAL B 405 -1.65 -0.08 14.74
N LEU B 406 -0.60 0.51 14.16
CA LEU B 406 -0.45 0.83 12.76
C LEU B 406 -0.41 -0.42 11.83
N THR B 407 0.02 -1.58 12.35
CA THR B 407 0.12 -2.79 11.52
C THR B 407 -1.20 -3.59 11.40
N PRO B 408 -1.69 -3.83 10.15
CA PRO B 408 -2.93 -4.60 9.97
C PRO B 408 -2.80 -6.04 10.43
N ASN B 409 -3.75 -6.49 11.27
CA ASN B 409 -3.75 -7.84 11.76
C ASN B 409 -4.62 -8.67 10.83
N LEU B 410 -4.08 -8.94 9.62
CA LEU B 410 -4.81 -9.62 8.55
C LEU B 410 -3.94 -10.64 7.86
N VAL B 411 -4.49 -11.82 7.60
CA VAL B 411 -3.75 -12.86 6.87
C VAL B 411 -4.66 -13.14 5.67
N ALA B 412 -4.13 -12.95 4.44
CA ALA B 412 -4.88 -13.14 3.18
C ALA B 412 -5.53 -14.50 3.03
N ALA B 413 -6.67 -14.51 2.29
CA ALA B 413 -7.45 -15.70 2.01
C ALA B 413 -8.28 -15.45 0.77
N LEU B 414 -8.64 -16.52 0.07
CA LEU B 414 -9.44 -16.47 -1.14
C LEU B 414 -10.89 -16.15 -0.73
N PRO B 415 -11.72 -15.51 -1.58
CA PRO B 415 -13.11 -15.26 -1.14
C PRO B 415 -13.89 -16.60 -1.09
N PRO B 416 -14.99 -16.67 -0.32
CA PRO B 416 -15.78 -17.92 -0.24
C PRO B 416 -16.44 -18.32 -1.56
N SER B 417 -16.85 -17.37 -2.39
CA SER B 417 -17.48 -17.68 -3.70
C SER B 417 -17.01 -16.71 -4.78
N THR B 418 -17.28 -17.01 -6.09
CA THR B 418 -16.89 -16.10 -7.20
C THR B 418 -17.80 -14.86 -7.21
N HIS B 419 -19.10 -15.03 -6.80
CA HIS B 419 -20.16 -14.04 -6.71
C HIS B 419 -20.39 -13.25 -8.01
N GLY B 422 -25.80 -9.69 -1.83
CA GLY B 422 -25.12 -9.09 -2.96
C GLY B 422 -24.22 -7.92 -2.58
N TRP B 423 -24.78 -6.68 -2.65
CA TRP B 423 -24.04 -5.47 -2.29
C TRP B 423 -23.78 -5.35 -0.80
N GLN B 424 -22.50 -5.23 -0.44
CA GLN B 424 -22.01 -5.13 0.93
C GLN B 424 -21.14 -3.86 1.06
N LEU B 425 -21.10 -3.28 2.27
CA LEU B 425 -20.31 -2.09 2.56
C LEU B 425 -18.90 -2.48 2.99
N PHE B 426 -17.90 -2.11 2.20
CA PHE B 426 -16.51 -2.41 2.50
C PHE B 426 -15.82 -1.16 3.05
N CYS B 427 -15.18 -1.25 4.24
CA CYS B 427 -14.42 -0.17 4.85
C CYS B 427 -13.10 -0.68 5.29
N ARG B 428 -12.12 0.21 5.37
CA ARG B 428 -10.79 -0.11 5.87
C ARG B 428 -10.28 1.16 6.56
N THR B 429 -9.27 0.98 7.39
CA THR B 429 -8.63 2.05 8.15
C THR B 429 -7.32 2.44 7.46
N VAL B 430 -7.06 3.73 7.38
CA VAL B 430 -5.82 4.29 6.81
C VAL B 430 -5.16 5.15 7.89
N TRP B 431 -3.91 4.84 8.23
CA TRP B 431 -3.17 5.65 9.21
C TRP B 431 -2.25 6.57 8.41
N SER B 432 -2.14 7.83 8.85
CA SER B 432 -1.27 8.81 8.21
C SER B 432 0.14 8.62 8.80
N ALA B 433 1.14 9.37 8.26
CA ALA B 433 2.48 9.46 8.81
C ALA B 433 2.31 10.32 10.07
N HIS B 434 3.16 10.08 11.05
CA HIS B 434 3.22 10.82 12.30
C HIS B 434 3.44 12.30 11.95
N SER B 435 2.70 13.22 12.58
CA SER B 435 2.79 14.67 12.31
C SER B 435 4.19 15.27 12.50
N GLY B 436 4.87 14.84 13.56
CA GLY B 436 6.18 15.34 13.98
C GLY B 436 6.04 16.09 15.30
N PRO B 437 7.14 16.49 15.98
CA PRO B 437 7.00 17.18 17.28
C PRO B 437 6.55 18.64 17.22
N THR B 438 6.65 19.29 16.04
CA THR B 438 6.31 20.70 15.74
C THR B 438 5.24 21.33 16.65
N MET B 440 1.72 22.82 16.88
CA MET B 440 1.35 23.32 15.55
C MET B 440 1.46 22.24 14.44
N ALA B 441 2.05 21.06 14.76
CA ALA B 441 2.19 19.96 13.80
C ALA B 441 0.83 19.35 13.48
N THR B 442 0.64 18.98 12.21
CA THR B 442 -0.58 18.34 11.73
C THR B 442 -0.21 17.09 10.95
N ALA B 443 -1.10 16.09 10.98
CA ALA B 443 -0.96 14.84 10.25
C ALA B 443 -2.18 14.77 9.35
N ILE B 444 -2.01 14.22 8.14
CA ILE B 444 -3.10 14.11 7.16
C ILE B 444 -3.29 12.68 6.63
N ALA B 445 -4.52 12.15 6.75
CA ALA B 445 -4.88 10.83 6.25
C ALA B 445 -5.96 11.10 5.21
N ARG B 446 -5.80 10.51 4.02
CA ARG B 446 -6.75 10.64 2.89
C ARG B 446 -7.05 9.25 2.38
N CYS B 447 -8.16 9.10 1.65
CA CYS B 447 -8.52 7.81 1.08
C CYS B 447 -8.04 7.78 -0.37
N ALA B 448 -7.87 6.59 -0.91
CA ALA B 448 -7.41 6.39 -2.27
C ALA B 448 -8.48 6.84 -3.30
N PRO B 449 -8.13 7.10 -4.59
CA PRO B 449 -9.19 7.44 -5.56
C PRO B 449 -10.19 6.27 -5.62
N ASP B 450 -11.49 6.59 -5.79
CA ASP B 450 -12.64 5.67 -5.83
C ASP B 450 -13.18 5.36 -4.43
N GLU B 451 -12.52 5.89 -3.35
CA GLU B 451 -12.96 5.62 -1.97
C GLU B 451 -13.51 6.86 -1.33
N GLU B 452 -14.44 6.68 -0.40
CA GLU B 452 -15.06 7.77 0.34
C GLU B 452 -14.52 7.69 1.75
N LEU B 453 -14.29 8.85 2.34
CA LEU B 453 -13.81 8.95 3.69
C LEU B 453 -15.09 9.15 4.49
N LEU B 454 -15.42 8.19 5.39
CA LEU B 454 -16.65 8.22 6.19
C LEU B 454 -16.44 8.69 7.58
N SER B 455 -15.19 8.66 8.06
CA SER B 455 -14.90 9.11 9.42
C SER B 455 -13.44 9.42 9.64
N CYS B 456 -13.16 10.12 10.74
CA CYS B 456 -11.84 10.60 11.04
C CYS B 456 -11.57 10.61 12.54
N SER B 457 -10.47 10.00 12.96
CA SER B 457 -10.06 9.97 14.36
C SER B 457 -8.56 10.32 14.47
N SER B 458 -8.03 10.35 15.67
CA SER B 458 -6.63 10.69 15.89
C SER B 458 -6.11 9.94 17.09
N PHE B 459 -4.75 9.80 17.17
CA PHE B 459 -4.10 9.10 18.26
C PHE B 459 -2.73 9.72 18.61
N SER B 460 -2.42 9.75 19.91
CA SER B 460 -1.16 10.25 20.50
C SER B 460 -0.83 9.30 21.64
N ARG B 461 0.42 8.80 21.75
CA ARG B 461 0.78 7.90 22.86
C ARG B 461 0.74 8.64 24.20
N SER B 462 1.12 9.92 24.22
CA SER B 462 1.14 10.76 25.43
C SER B 462 -0.23 11.36 25.79
N GLY B 463 -1.08 11.49 24.78
CA GLY B 463 -2.41 12.06 24.89
C GLY B 463 -2.37 13.56 24.69
N LYS B 464 -1.25 14.07 24.17
CA LYS B 464 -1.08 15.50 23.93
C LYS B 464 -1.50 15.83 22.51
N ARG B 465 -2.83 16.02 22.32
CA ARG B 465 -3.44 16.33 21.03
C ARG B 465 -4.57 17.36 21.13
N ARG B 466 -4.95 17.96 19.99
CA ARG B 466 -6.04 18.92 19.91
C ARG B 466 -7.19 18.37 19.02
N GLY B 467 -7.22 17.05 18.86
CA GLY B 467 -8.23 16.35 18.08
C GLY B 467 -8.04 16.32 16.57
N GLU B 468 -9.13 16.21 15.85
CA GLU B 468 -9.10 16.12 14.39
C GLU B 468 -10.29 16.80 13.75
N ARG B 469 -10.19 17.06 12.47
CA ARG B 469 -11.25 17.64 11.68
C ARG B 469 -11.30 17.02 10.30
N MET B 470 -12.50 16.87 9.77
CA MET B 470 -12.72 16.36 8.42
C MET B 470 -12.91 17.63 7.60
N GLU B 471 -12.25 17.74 6.46
CA GLU B 471 -12.36 18.95 5.64
C GLU B 471 -12.25 18.63 4.16
N ALA B 472 -12.99 19.40 3.32
CA ALA B 472 -12.96 19.21 1.87
C ALA B 472 -11.67 19.78 1.27
N GLN B 473 -11.11 19.08 0.27
CA GLN B 473 -9.90 19.41 -0.47
C GLN B 473 -10.03 18.76 -1.84
N GLY B 474 -10.05 19.61 -2.89
CA GLY B 474 -10.20 19.18 -4.28
C GLY B 474 -11.48 18.37 -4.48
N GLY B 475 -12.52 18.73 -3.72
CA GLY B 475 -13.81 18.06 -3.75
C GLY B 475 -13.73 16.65 -3.19
N LYS B 476 -12.93 16.47 -2.11
CA LYS B 476 -12.71 15.20 -1.42
C LYS B 476 -12.45 15.45 0.05
N LEU B 477 -13.06 14.66 0.95
CA LEU B 477 -12.86 14.80 2.39
C LEU B 477 -11.52 14.26 2.81
N VAL B 478 -10.82 15.02 3.65
CA VAL B 478 -9.53 14.64 4.21
C VAL B 478 -9.65 14.69 5.72
N CYS B 479 -8.82 13.90 6.38
CA CYS B 479 -8.80 13.80 7.82
C CYS B 479 -7.53 14.49 8.33
N ARG B 480 -7.68 15.58 9.10
CA ARG B 480 -6.52 16.32 9.62
C ARG B 480 -6.46 16.32 11.12
N ALA B 481 -5.36 15.82 11.70
CA ALA B 481 -5.17 15.72 13.14
C ALA B 481 -4.18 16.78 13.65
N HIS B 482 -4.45 17.34 14.83
CA HIS B 482 -3.63 18.40 15.44
C HIS B 482 -2.86 17.97 16.68
N ASN B 483 -1.63 18.45 16.78
CA ASN B 483 -0.76 18.20 17.93
C ASN B 483 -1.02 19.29 18.98
N ALA B 484 -0.62 19.05 20.23
CA ALA B 484 -0.74 20.01 21.35
C ALA B 484 0.66 20.37 21.90
N PHE B 485 0.74 21.36 22.82
CA PHE B 485 1.97 21.86 23.46
C PHE B 485 2.72 20.75 24.19
N GLY B 486 3.96 20.50 23.76
CA GLY B 486 4.83 19.49 24.33
C GLY B 486 4.54 18.07 23.88
N GLY B 487 3.65 17.93 22.88
CA GLY B 487 3.27 16.66 22.31
C GLY B 487 4.24 16.17 21.27
N GLU B 488 4.66 14.90 21.38
CA GLU B 488 5.62 14.27 20.45
C GLU B 488 5.09 14.21 19.01
N GLY B 489 3.78 14.31 18.84
CA GLY B 489 3.12 14.27 17.55
C GLY B 489 1.85 13.43 17.58
N VAL B 490 1.05 13.54 16.52
CA VAL B 490 -0.22 12.81 16.40
C VAL B 490 -0.31 12.05 15.09
N TYR B 491 -1.25 11.12 15.04
CA TYR B 491 -1.58 10.34 13.85
C TYR B 491 -3.01 10.73 13.48
N ALA B 492 -3.30 10.88 12.18
CA ALA B 492 -4.66 11.12 11.72
C ALA B 492 -5.10 9.68 11.23
N ILE B 493 -6.31 9.23 11.63
CA ILE B 493 -6.79 7.90 11.23
C ILE B 493 -8.12 8.04 10.48
N ALA B 494 -8.13 7.65 9.22
CA ALA B 494 -9.31 7.74 8.37
C ALA B 494 -9.95 6.36 8.16
N ARG B 495 -11.26 6.38 7.93
CA ARG B 495 -12.02 5.18 7.63
C ARG B 495 -12.49 5.41 6.18
N CYS B 496 -11.96 4.58 5.27
CA CYS B 496 -12.15 4.58 3.82
C CYS B 496 -13.06 3.49 3.38
N CYS B 497 -14.13 3.84 2.69
CA CYS B 497 -15.17 2.91 2.24
C CYS B 497 -15.54 3.06 0.80
N LEU B 498 -16.06 1.98 0.20
CA LEU B 498 -16.55 1.97 -1.17
C LEU B 498 -18.03 2.28 -1.07
N LEU B 499 -18.39 3.51 -1.41
CA LEU B 499 -19.77 3.97 -1.35
C LEU B 499 -20.03 4.78 -2.62
N PRO B 500 -20.33 4.09 -3.76
CA PRO B 500 -20.54 4.81 -5.03
C PRO B 500 -21.72 5.79 -5.02
N GLN B 501 -21.58 6.90 -5.77
CA GLN B 501 -22.58 7.98 -5.93
C GLN B 501 -23.01 8.64 -4.58
N ALA B 502 -22.31 8.30 -3.49
CA ALA B 502 -22.56 8.87 -2.17
C ALA B 502 -21.56 10.01 -2.06
N ASN B 503 -22.07 11.24 -2.00
CA ASN B 503 -21.22 12.43 -1.94
C ASN B 503 -21.17 12.91 -0.50
N CYS B 504 -20.37 12.18 0.31
CA CYS B 504 -20.16 12.44 1.73
C CYS B 504 -19.65 13.84 1.99
N SER B 505 -20.48 14.63 2.67
CA SER B 505 -20.19 16.01 3.02
C SER B 505 -19.92 16.14 4.52
N VAL B 506 -19.39 17.29 4.93
CA VAL B 506 -19.10 17.61 6.34
C VAL B 506 -20.07 18.74 6.84
N HIS B 507 -20.57 18.59 8.07
CA HIS B 507 -21.41 19.57 8.74
C HIS B 507 -20.57 19.94 9.94
N THR B 508 -20.14 21.20 10.02
CA THR B 508 -19.26 21.71 11.09
C THR B 508 -19.96 22.73 11.95
N ALA B 509 -19.73 22.65 13.26
CA ALA B 509 -20.25 23.61 14.23
C ALA B 509 -19.09 24.02 15.16
N PRO B 510 -18.70 25.32 15.18
CA PRO B 510 -17.61 25.73 16.10
C PRO B 510 -18.14 25.76 17.55
N PRO B 511 -17.32 25.94 18.62
CA PRO B 511 -17.91 25.98 19.98
C PRO B 511 -18.90 27.15 20.17
N ALA B 512 -19.89 27.00 21.07
CA ALA B 512 -20.88 28.07 21.32
C ALA B 512 -21.36 28.11 22.77
N MET B 516 -23.78 22.91 27.48
CA MET B 516 -24.67 22.04 26.71
C MET B 516 -23.90 21.11 25.75
N GLY B 517 -22.73 21.55 25.30
CA GLY B 517 -21.88 20.83 24.36
C GLY B 517 -22.23 21.17 22.92
N THR B 518 -21.24 21.14 22.02
CA THR B 518 -21.42 21.46 20.59
C THR B 518 -22.23 20.37 19.87
N ARG B 519 -23.18 20.77 19.01
CA ARG B 519 -24.04 19.83 18.29
C ARG B 519 -24.26 20.17 16.82
N VAL B 520 -24.39 19.12 16.00
CA VAL B 520 -24.62 19.18 14.55
C VAL B 520 -25.37 17.88 14.14
N HIS B 521 -26.20 17.92 13.07
CA HIS B 521 -26.95 16.71 12.67
C HIS B 521 -27.17 16.57 11.17
N CYS B 522 -27.33 15.32 10.65
CA CYS B 522 -27.58 15.07 9.23
C CYS B 522 -29.10 15.03 9.06
N HIS B 523 -29.71 16.17 8.69
CA HIS B 523 -31.17 16.27 8.54
C HIS B 523 -31.58 16.34 7.08
N GLN B 524 -31.58 15.19 6.42
CA GLN B 524 -31.94 15.05 5.02
C GLN B 524 -32.38 13.62 4.74
N GLN B 525 -33.50 13.46 4.02
CA GLN B 525 -34.04 12.17 3.62
C GLN B 525 -32.99 11.40 2.82
N GLY B 526 -32.74 10.16 3.22
CA GLY B 526 -31.75 9.30 2.59
C GLY B 526 -30.32 9.55 3.03
N HIS B 527 -30.12 10.46 4.01
CA HIS B 527 -28.78 10.77 4.52
C HIS B 527 -28.47 10.07 5.84
N VAL B 528 -27.27 9.48 5.94
CA VAL B 528 -26.84 8.82 7.16
C VAL B 528 -25.64 9.53 7.80
N LEU B 529 -25.53 9.48 9.13
CA LEU B 529 -24.36 10.02 9.82
C LEU B 529 -23.33 8.86 9.86
N THR B 530 -22.16 9.02 9.23
CA THR B 530 -21.15 7.94 9.19
C THR B 530 -19.98 8.13 10.12
N GLY B 531 -19.76 9.36 10.60
CA GLY B 531 -18.66 9.69 11.50
C GLY B 531 -18.80 11.03 12.20
N CYS B 532 -18.16 11.16 13.37
CA CYS B 532 -18.11 12.35 14.23
C CYS B 532 -16.65 12.64 14.52
N SER B 533 -16.23 13.89 14.36
CA SER B 533 -14.88 14.37 14.61
C SER B 533 -14.95 15.55 15.52
N SER B 534 -13.88 15.81 16.25
CA SER B 534 -13.82 16.92 17.18
C SER B 534 -12.40 17.46 17.31
N HIS B 535 -12.27 18.79 17.32
CA HIS B 535 -11.02 19.49 17.47
C HIS B 535 -11.19 20.73 18.36
N TRP B 536 -10.14 21.07 19.12
CA TRP B 536 -10.18 22.23 20.01
C TRP B 536 -8.97 23.11 19.78
N GLU B 537 -9.19 24.42 19.59
CA GLU B 537 -8.12 25.40 19.35
C GLU B 537 -7.71 26.06 20.67
N VAL B 538 -7.41 25.21 21.71
CA VAL B 538 -7.01 25.56 23.08
C VAL B 538 -6.76 24.28 23.91
N GLU B 539 -5.54 24.16 24.48
CA GLU B 539 -5.12 23.01 25.30
C GLU B 539 -5.91 22.84 26.59
N ASP B 540 -5.94 21.60 27.13
CA ASP B 540 -6.61 21.17 28.36
C ASP B 540 -8.13 21.39 28.31
N GLN B 554 -28.42 11.17 20.43
CA GLN B 554 -29.52 11.30 19.46
C GLN B 554 -29.13 10.70 18.09
N PRO B 555 -30.02 9.94 17.41
CA PRO B 555 -29.64 9.40 16.08
C PRO B 555 -29.28 10.50 15.08
N ASN B 556 -28.23 10.25 14.25
CA ASN B 556 -27.72 11.16 13.23
C ASN B 556 -27.16 12.50 13.79
N GLN B 557 -26.82 12.53 15.10
CA GLN B 557 -26.28 13.71 15.77
C GLN B 557 -24.89 13.46 16.38
N CYS B 558 -23.99 14.47 16.31
CA CYS B 558 -22.64 14.40 16.88
C CYS B 558 -22.59 15.34 18.07
N VAL B 559 -21.97 14.88 19.17
CA VAL B 559 -21.84 15.64 20.40
C VAL B 559 -20.35 15.80 20.81
N GLY B 560 -19.95 17.03 21.10
CA GLY B 560 -18.60 17.34 21.53
C GLY B 560 -18.54 18.23 22.76
N HIS B 561 -17.31 18.44 23.29
CA HIS B 561 -17.07 19.30 24.45
C HIS B 561 -17.46 20.75 24.14
N ARG B 562 -17.89 21.50 25.18
CA ARG B 562 -18.31 22.91 25.10
C ARG B 562 -17.30 23.83 24.39
N GLU B 563 -15.99 23.59 24.59
CA GLU B 563 -14.91 24.39 23.99
C GLU B 563 -14.34 23.84 22.67
N ALA B 564 -15.00 22.83 22.07
CA ALA B 564 -14.51 22.22 20.83
C ALA B 564 -15.45 22.32 19.63
N SER B 565 -14.87 22.34 18.42
CA SER B 565 -15.64 22.32 17.19
C SER B 565 -16.00 20.86 16.90
N ILE B 566 -17.20 20.61 16.38
CA ILE B 566 -17.68 19.28 16.07
C ILE B 566 -17.84 19.20 14.57
N HIS B 567 -17.52 18.03 13.98
CA HIS B 567 -17.60 17.78 12.52
C HIS B 567 -18.31 16.47 12.28
N ALA B 568 -19.31 16.48 11.40
CA ALA B 568 -20.05 15.28 11.07
C ALA B 568 -20.00 14.96 9.61
N SER B 569 -19.71 13.71 9.31
CA SER B 569 -19.71 13.22 7.96
C SER B 569 -21.14 12.73 7.70
N CYS B 570 -21.78 13.31 6.71
CA CYS B 570 -23.15 12.97 6.33
C CYS B 570 -23.14 12.46 4.90
N CYS B 571 -23.64 11.24 4.70
CA CYS B 571 -23.64 10.65 3.36
C CYS B 571 -25.02 10.41 2.83
N HIS B 572 -25.15 10.54 1.51
CA HIS B 572 -26.40 10.26 0.83
C HIS B 572 -26.33 8.75 0.49
N ALA B 573 -27.00 7.93 1.30
CA ALA B 573 -27.03 6.47 1.11
C ALA B 573 -28.38 5.91 1.57
N PRO B 574 -29.40 5.96 0.68
CA PRO B 574 -30.76 5.48 1.06
C PRO B 574 -30.86 3.98 1.33
N GLY B 575 -29.96 3.21 0.72
CA GLY B 575 -29.91 1.76 0.92
C GLY B 575 -29.11 1.36 2.14
N LEU B 576 -28.76 2.33 3.00
CA LEU B 576 -27.96 2.09 4.18
C LEU B 576 -28.69 2.29 5.48
N GLU B 577 -28.53 1.33 6.39
CA GLU B 577 -29.09 1.39 7.73
C GLU B 577 -27.88 1.50 8.67
N CYS B 578 -27.86 2.52 9.54
CA CYS B 578 -26.79 2.75 10.50
C CYS B 578 -27.30 2.75 11.95
N LYS B 579 -26.45 2.26 12.89
CA LYS B 579 -26.75 2.22 14.31
C LYS B 579 -25.53 2.68 15.09
N VAL B 580 -25.74 3.38 16.20
CA VAL B 580 -24.68 3.87 17.07
C VAL B 580 -24.69 2.97 18.30
N LYS B 581 -23.56 2.29 18.55
CA LYS B 581 -23.39 1.38 19.65
C LYS B 581 -22.32 1.97 20.59
N GLU B 582 -22.73 2.37 21.80
CA GLU B 582 -21.84 2.93 22.82
C GLU B 582 -21.51 1.89 23.87
N HIS B 583 -20.31 1.93 24.44
CA HIS B 583 -19.86 1.00 25.48
C HIS B 583 -18.85 1.68 26.38
N GLY B 584 -19.21 1.84 27.65
CA GLY B 584 -18.37 2.47 28.65
C GLY B 584 -18.08 1.55 29.83
N ILE B 585 -16.82 1.58 30.32
CA ILE B 585 -16.38 0.75 31.47
C ILE B 585 -15.73 1.61 32.57
N PRO B 586 -15.92 1.29 33.88
CA PRO B 586 -15.30 2.10 34.94
C PRO B 586 -13.95 1.54 35.39
N GLN B 589 -9.70 2.29 33.08
CA GLN B 589 -9.05 1.26 32.27
C GLN B 589 -8.26 1.85 31.08
N GLU B 590 -7.13 1.21 30.71
CA GLU B 590 -6.24 1.65 29.62
C GLU B 590 -6.83 1.50 28.19
N GLN B 591 -7.85 0.63 28.03
CA GLN B 591 -8.48 0.38 26.73
C GLN B 591 -9.93 -0.08 26.81
N VAL B 592 -10.81 0.61 26.09
CA VAL B 592 -12.24 0.27 26.00
C VAL B 592 -12.57 0.00 24.54
N THR B 593 -13.14 -1.17 24.25
CA THR B 593 -13.49 -1.55 22.90
C THR B 593 -14.99 -1.80 22.75
N VAL B 594 -15.50 -1.72 21.52
CA VAL B 594 -16.89 -1.98 21.15
C VAL B 594 -16.91 -2.46 19.68
N ALA B 595 -17.48 -3.63 19.42
CA ALA B 595 -17.51 -4.15 18.06
C ALA B 595 -18.89 -4.15 17.42
N CYS B 596 -18.95 -3.85 16.12
CA CYS B 596 -20.19 -3.92 15.36
C CYS B 596 -20.53 -5.41 15.29
N GLU B 597 -21.83 -5.74 15.30
CA GLU B 597 -22.20 -7.14 15.19
C GLU B 597 -21.87 -7.68 13.79
N GLU B 598 -21.77 -9.02 13.64
CA GLU B 598 -21.46 -9.70 12.38
C GLU B 598 -22.48 -9.30 11.30
N GLY B 599 -21.99 -8.93 10.13
CA GLY B 599 -22.84 -8.48 9.01
C GLY B 599 -22.97 -6.97 8.94
N TRP B 600 -22.38 -6.26 9.95
CA TRP B 600 -22.37 -4.80 10.01
C TRP B 600 -20.92 -4.33 9.86
N THR B 601 -20.73 -3.17 9.22
CA THR B 601 -19.40 -2.58 9.01
C THR B 601 -19.26 -1.33 9.85
N LEU B 602 -18.16 -1.23 10.58
CA LEU B 602 -17.83 -0.07 11.39
C LEU B 602 -17.45 1.08 10.42
N THR B 603 -18.22 2.18 10.43
CA THR B 603 -17.89 3.30 9.56
C THR B 603 -17.19 4.41 10.35
N GLY B 604 -17.44 4.45 11.65
CA GLY B 604 -16.89 5.48 12.52
C GLY B 604 -16.63 5.02 13.93
N CYS B 605 -15.57 5.53 14.50
CA CYS B 605 -15.15 5.15 15.83
C CYS B 605 -14.68 6.39 16.58
N SER B 606 -15.26 6.67 17.74
CA SER B 606 -14.83 7.82 18.56
C SER B 606 -14.94 7.58 20.08
N ALA B 607 -14.45 8.54 20.87
CA ALA B 607 -14.48 8.57 22.34
C ALA B 607 -15.60 9.55 22.73
N LEU B 608 -16.48 9.13 23.66
CA LEU B 608 -17.60 9.99 24.09
C LEU B 608 -17.04 11.10 24.97
N PRO B 609 -17.42 12.39 24.74
CA PRO B 609 -16.88 13.48 25.57
C PRO B 609 -17.28 13.38 27.05
N SER B 612 -10.43 9.09 32.25
CA SER B 612 -11.02 10.43 32.10
C SER B 612 -10.44 11.20 30.89
N HIS B 613 -9.15 10.96 30.55
CA HIS B 613 -8.45 11.58 29.42
C HIS B 613 -8.04 10.53 28.37
N VAL B 614 -8.53 10.72 27.12
CA VAL B 614 -8.29 9.78 26.02
C VAL B 614 -7.04 10.12 25.22
N LEU B 615 -6.27 9.07 24.85
CA LEU B 615 -5.06 9.16 24.05
C LEU B 615 -5.51 9.18 22.59
N GLY B 616 -6.64 8.53 22.34
CA GLY B 616 -7.22 8.44 21.01
C GLY B 616 -8.15 7.27 20.79
N ALA B 617 -8.65 7.21 19.57
CA ALA B 617 -9.56 6.18 19.08
C ALA B 617 -9.13 5.79 17.67
N TYR B 618 -9.42 4.55 17.32
CA TYR B 618 -9.11 3.98 16.03
C TYR B 618 -9.91 2.72 15.86
N ALA B 619 -10.30 2.44 14.62
CA ALA B 619 -11.04 1.25 14.28
C ALA B 619 -9.99 0.18 13.94
N VAL B 620 -10.22 -1.07 14.41
CA VAL B 620 -9.39 -2.25 14.15
C VAL B 620 -10.45 -3.23 13.57
N ASP B 621 -10.49 -3.36 12.24
CA ASP B 621 -11.48 -4.15 11.46
C ASP B 621 -12.88 -3.57 11.75
N ASN B 622 -13.76 -4.29 12.49
CA ASN B 622 -15.09 -3.78 12.86
C ASN B 622 -15.24 -3.49 14.35
N THR B 623 -14.10 -3.31 15.02
CA THR B 623 -14.02 -3.01 16.45
C THR B 623 -13.49 -1.59 16.64
N CYS B 624 -14.19 -0.79 17.44
CA CYS B 624 -13.76 0.56 17.76
C CYS B 624 -12.89 0.48 19.03
N VAL B 625 -11.66 1.02 18.96
CA VAL B 625 -10.73 0.98 20.10
C VAL B 625 -10.49 2.38 20.64
N VAL B 626 -10.79 2.58 21.92
CA VAL B 626 -10.54 3.86 22.61
C VAL B 626 -9.49 3.59 23.67
N ARG B 627 -8.38 4.33 23.63
CA ARG B 627 -7.26 4.21 24.56
C ARG B 627 -7.20 5.38 25.53
N SER B 628 -7.11 5.09 26.83
CA SER B 628 -7.04 6.14 27.85
C SER B 628 -5.82 6.02 28.76
N ARG B 629 -5.37 7.13 29.35
CA ARG B 629 -4.20 7.18 30.24
C ARG B 629 -4.50 6.58 31.61
N ALA B 641 -15.64 8.16 33.74
CA ALA B 641 -15.99 7.06 32.84
C ALA B 641 -15.52 7.33 31.40
N VAL B 642 -15.03 6.26 30.71
CA VAL B 642 -14.55 6.33 29.33
C VAL B 642 -15.47 5.48 28.44
N THR B 643 -16.06 6.09 27.39
CA THR B 643 -16.97 5.39 26.47
C THR B 643 -16.51 5.39 25.02
N ALA B 644 -16.49 4.19 24.41
CA ALA B 644 -16.15 3.95 23.00
C ALA B 644 -17.48 4.01 22.25
N VAL B 645 -17.54 4.82 21.20
CA VAL B 645 -18.76 5.02 20.39
C VAL B 645 -18.47 4.55 18.99
N ALA B 646 -19.27 3.58 18.51
CA ALA B 646 -19.15 2.98 17.19
C ALA B 646 -20.37 3.21 16.32
N ILE B 647 -20.16 3.63 15.06
CA ILE B 647 -21.23 3.79 14.08
C ILE B 647 -21.09 2.58 13.17
N CYS B 648 -22.16 1.78 13.05
CA CYS B 648 -22.22 0.53 12.30
C CYS B 648 -23.25 0.64 11.19
N CYS B 649 -22.87 0.30 9.97
CA CYS B 649 -23.80 0.37 8.85
C CYS B 649 -23.84 -0.95 8.10
N ARG B 650 -24.96 -1.18 7.38
CA ARG B 650 -25.20 -2.35 6.54
C ARG B 650 -26.18 -1.99 5.44
N SER B 651 -26.11 -2.73 4.34
CA SER B 651 -26.99 -2.57 3.19
C SER B 651 -28.41 -3.09 3.58
N ARG B 652 -29.41 -2.20 3.56
CA ARG B 652 -30.81 -2.53 3.91
C ARG B 652 -31.60 -2.98 2.69
C2 PV7 C . -0.87 3.42 2.73
C3 PV7 C . -0.29 2.44 1.95
C5 PV7 C . 1.70 3.80 1.82
C7 PV7 C . 0.69 0.66 0.01
C9 PV7 C . -1.63 0.57 2.93
C10 PV7 C . -2.18 1.35 0.62
C11 PV7 C . -3.11 2.51 0.87
C15 PV7 C . -4.73 6.77 0.50
N17 PV7 C . -3.49 5.56 -1.06
C18 PV7 C . 2.92 6.18 2.19
C20 PV7 C . -1.23 6.69 3.27
C21 PV7 C . -1.19 6.87 1.91
C22 PV7 C . -1.59 8.08 1.39
C PV7 C . 1.10 4.78 2.59
N PV7 C . -0.17 0.12 1.09
O PV7 C . -3.93 2.53 1.77
S PV7 C . -4.38 5.33 1.35
C1 PV7 C . -0.18 4.58 3.05
C4 PV7 C . 1.01 2.62 1.51
C6 PV7 C . -1.07 1.17 1.65
C8 PV7 C . 1.70 1.60 0.66
N12 PV7 C . -2.91 3.51 -0.04
O13 PV7 C . 1.71 6.00 2.93
C14 PV7 C . -3.53 4.75 -0.03
C16 PV7 C . -4.17 6.72 -0.75
O19 PV7 C . -0.84 5.51 3.85
C23 PV7 C . -2.02 9.10 2.22
C24 PV7 C . -2.08 8.90 3.59
C25 PV7 C . -1.69 7.68 4.11
C26 PV7 C . -2.40 10.40 1.63
O27 PV7 C . -2.87 11.25 2.42
O28 PV7 C . -2.19 10.58 0.40
#